data_6GBR
#
_entry.id   6GBR
#
_cell.length_a   35.933
_cell.length_b   91.901
_cell.length_c   104.193
_cell.angle_alpha   90.000
_cell.angle_beta   90.000
_cell.angle_gamma   90.000
#
_symmetry.space_group_name_H-M   'P 21 21 21'
#
loop_
_entity.id
_entity.type
_entity.pdbx_description
1 polymer 'Polymerase cofactor VP35'
2 non-polymer 'MERCURIBENZOIC ACID'
#
_entity_poly.entity_id   1
_entity_poly.type   'polypeptide(L)'
_entity_poly.pdbx_seq_one_letter_code
;MLKKVEDTLTMLVNATSRQNAAIEALENRLSTLESSLKPIQDMGKVISSLNRSCAEMVAKYDLLEHHHHHH
;
_entity_poly.pdbx_strand_id   A,B,C,D
#
# COMPACT_ATOMS: atom_id res chain seq x y z
N LEU A 2 22.42 -21.16 41.03
CA LEU A 2 22.46 -20.27 39.86
C LEU A 2 21.65 -20.83 38.72
N LYS A 3 21.10 -22.01 38.92
CA LYS A 3 20.48 -22.72 37.81
C LYS A 3 19.39 -21.88 37.15
N LYS A 4 18.41 -21.41 37.91
CA LYS A 4 17.17 -20.83 37.35
C LYS A 4 17.42 -19.60 36.47
N VAL A 5 18.43 -18.87 36.86
CA VAL A 5 18.79 -17.64 36.22
C VAL A 5 19.32 -17.86 34.85
N GLU A 6 20.31 -18.76 34.79
CA GLU A 6 20.91 -19.27 33.56
C GLU A 6 19.90 -20.01 32.67
N ASP A 7 18.98 -20.75 33.28
CA ASP A 7 17.94 -21.43 32.52
C ASP A 7 17.07 -20.37 31.93
N THR A 8 16.56 -19.47 32.74
CA THR A 8 15.63 -18.50 32.20
C THR A 8 16.33 -17.48 31.30
N LEU A 9 17.62 -17.22 31.58
CA LEU A 9 18.41 -16.26 30.80
C LEU A 9 18.62 -16.76 29.38
N THR A 10 18.59 -18.08 29.23
CA THR A 10 18.66 -18.78 27.95
C THR A 10 17.28 -18.83 27.29
N MET A 11 16.22 -18.83 28.09
CA MET A 11 14.87 -18.86 27.55
C MET A 11 14.77 -17.57 26.84
N LEU A 12 15.38 -16.58 27.47
CA LEU A 12 15.27 -15.23 27.01
C LEU A 12 16.11 -14.94 25.78
N VAL A 13 17.29 -15.55 25.68
CA VAL A 13 18.13 -15.31 24.53
C VAL A 13 17.55 -15.99 23.34
N ASN A 14 16.87 -17.09 23.56
CA ASN A 14 16.22 -17.71 22.46
C ASN A 14 15.02 -16.87 22.13
N ALA A 15 14.50 -16.09 23.08
CA ALA A 15 13.30 -15.30 22.76
C ALA A 15 13.67 -14.01 22.00
N THR A 16 14.79 -13.40 22.38
CA THR A 16 15.25 -12.20 21.74
C THR A 16 15.72 -12.44 20.32
N SER A 17 16.30 -13.61 20.02
CA SER A 17 16.76 -13.86 18.68
C SER A 17 15.60 -14.32 17.81
N ARG A 18 14.50 -14.74 18.41
CA ARG A 18 13.33 -15.11 17.62
C ARG A 18 12.80 -13.81 17.14
N GLN A 19 13.02 -12.75 17.88
CA GLN A 19 12.37 -11.51 17.52
C GLN A 19 13.10 -10.88 16.39
N ASN A 20 14.42 -10.91 16.45
CA ASN A 20 15.23 -10.49 15.33
C ASN A 20 14.65 -11.10 14.06
N ALA A 21 14.44 -12.40 14.09
CA ALA A 21 13.81 -13.09 12.99
C ALA A 21 12.41 -12.60 12.62
N ALA A 22 11.62 -12.16 13.56
CA ALA A 22 10.25 -11.76 13.24
C ALA A 22 10.26 -10.34 12.71
N ILE A 23 11.25 -9.57 13.16
CA ILE A 23 11.38 -8.20 12.66
C ILE A 23 11.85 -8.22 11.21
N GLU A 24 12.93 -8.97 10.93
CA GLU A 24 13.40 -9.15 9.56
C GLU A 24 12.29 -9.60 8.66
N ALA A 25 11.45 -10.48 9.18
CA ALA A 25 10.44 -11.08 8.40
C ALA A 25 9.38 -10.08 8.07
N LEU A 26 9.30 -9.07 8.91
CA LEU A 26 8.28 -8.02 8.80
C LEU A 26 8.70 -6.92 7.87
N GLU A 27 9.98 -6.55 7.86
CA GLU A 27 10.57 -5.69 6.84
C GLU A 27 10.35 -6.24 5.45
N ASN A 28 10.61 -7.52 5.26
CA ASN A 28 10.51 -8.09 3.94
C ASN A 28 9.09 -8.07 3.49
N ARG A 29 8.13 -8.08 4.39
CA ARG A 29 6.79 -8.00 3.86
C ARG A 29 6.62 -6.58 3.40
N LEU A 30 7.12 -5.65 4.21
CA LEU A 30 6.96 -4.21 3.95
C LEU A 30 7.63 -3.87 2.66
N SER A 31 8.92 -4.19 2.58
CA SER A 31 9.66 -4.01 1.37
C SER A 31 8.83 -4.52 0.18
N THR A 32 8.37 -5.74 0.24
CA THR A 32 7.49 -6.23 -0.81
C THR A 32 6.25 -5.38 -1.05
N LEU A 33 5.74 -4.72 -0.01
CA LEU A 33 4.53 -3.89 -0.10
C LEU A 33 4.86 -2.60 -0.82
N GLU A 34 6.08 -2.11 -0.63
CA GLU A 34 6.53 -0.92 -1.33
C GLU A 34 6.44 -1.19 -2.83
N SER A 35 7.26 -2.10 -3.34
CA SER A 35 7.11 -2.63 -4.68
C SER A 35 5.68 -2.56 -5.22
N SER A 36 4.77 -3.18 -4.50
CA SER A 36 3.48 -3.47 -5.04
C SER A 36 2.66 -2.22 -5.13
N LEU A 37 3.16 -1.14 -4.55
CA LEU A 37 2.53 0.21 -4.72
C LEU A 37 3.10 1.06 -5.84
N LYS A 38 4.38 0.85 -6.11
CA LYS A 38 5.05 1.52 -7.19
C LYS A 38 4.09 1.62 -8.35
N PRO A 39 3.54 0.49 -8.80
CA PRO A 39 2.59 0.50 -9.92
C PRO A 39 1.45 1.50 -9.74
N ILE A 40 1.11 1.76 -8.49
CA ILE A 40 -0.09 2.49 -8.17
C ILE A 40 0.25 3.93 -8.03
N GLN A 41 1.39 4.25 -7.44
CA GLN A 41 1.83 5.64 -7.32
C GLN A 41 2.05 6.19 -8.71
N ASP A 42 2.71 5.37 -9.50
CA ASP A 42 2.99 5.68 -10.88
C ASP A 42 1.69 5.89 -11.62
N MET A 43 0.57 5.58 -10.98
CA MET A 43 -0.71 5.57 -11.64
C MET A 43 -1.26 6.96 -11.88
N GLY A 44 -1.06 7.84 -10.92
CA GLY A 44 -1.57 9.18 -11.05
C GLY A 44 -1.26 9.72 -12.44
N LYS A 45 -0.10 9.36 -12.97
CA LYS A 45 0.42 9.95 -14.21
C LYS A 45 -0.29 9.38 -15.40
N VAL A 46 -0.72 8.14 -15.28
CA VAL A 46 -1.37 7.45 -16.38
C VAL A 46 -2.80 7.96 -16.62
N ILE A 47 -3.50 8.16 -15.50
CA ILE A 47 -4.84 8.73 -15.45
C ILE A 47 -4.96 10.11 -16.15
N SER A 48 -4.04 10.97 -15.78
CA SER A 48 -3.86 12.20 -16.47
C SER A 48 -3.65 11.99 -17.96
N SER A 49 -2.85 11.02 -18.35
CA SER A 49 -2.63 10.90 -19.75
C SER A 49 -3.94 10.47 -20.30
N LEU A 50 -4.64 9.58 -19.59
CA LEU A 50 -5.94 9.08 -20.05
C LEU A 50 -6.95 10.22 -20.27
N ASN A 51 -7.01 11.09 -19.30
CA ASN A 51 -7.85 12.24 -19.48
C ASN A 51 -7.51 12.99 -20.73
N ARG A 52 -6.23 13.32 -20.93
CA ARG A 52 -5.84 14.10 -22.09
C ARG A 52 -6.23 13.46 -23.41
N SER A 53 -5.93 12.18 -23.52
CA SER A 53 -6.20 11.38 -24.70
C SER A 53 -7.67 11.26 -24.98
N CYS A 54 -8.46 11.12 -23.93
CA CYS A 54 -9.89 10.92 -24.09
C CYS A 54 -10.63 12.20 -24.37
N ALA A 55 -10.10 13.28 -23.84
CA ALA A 55 -10.49 14.62 -24.21
C ALA A 55 -10.26 14.68 -25.70
N GLU A 56 -8.99 14.65 -26.09
CA GLU A 56 -8.57 14.73 -27.48
C GLU A 56 -9.42 13.88 -28.42
N MET A 57 -9.78 12.68 -27.99
CA MET A 57 -10.53 11.77 -28.83
C MET A 57 -11.94 12.28 -29.12
N VAL A 58 -12.54 12.97 -28.15
CA VAL A 58 -13.86 13.56 -28.35
C VAL A 58 -13.81 14.77 -29.26
N ALA A 59 -12.81 15.60 -29.04
CA ALA A 59 -12.63 16.78 -29.83
C ALA A 59 -12.75 16.34 -31.28
N LYS A 60 -11.80 15.51 -31.68
CA LYS A 60 -11.59 15.13 -33.06
C LYS A 60 -12.80 14.53 -33.66
N TYR A 61 -13.67 14.01 -32.82
CA TYR A 61 -14.88 13.43 -33.34
C TYR A 61 -16.05 14.39 -33.32
N ASP A 62 -16.22 15.11 -32.23
CA ASP A 62 -17.34 16.03 -32.07
C ASP A 62 -17.26 17.02 -33.27
N LEU A 63 -16.14 17.71 -33.45
CA LEU A 63 -15.98 18.63 -34.59
C LEU A 63 -16.10 17.82 -35.88
N LEU A 64 -15.12 16.98 -36.15
CA LEU A 64 -15.10 16.20 -37.39
C LEU A 64 -16.40 15.46 -37.71
N GLU A 65 -17.25 15.19 -36.75
CA GLU A 65 -18.48 14.50 -37.08
C GLU A 65 -19.41 15.28 -37.96
N HIS A 66 -19.94 16.36 -37.39
CA HIS A 66 -21.00 17.07 -38.02
C HIS A 66 -20.44 17.62 -39.34
N HIS A 67 -19.16 17.98 -39.29
CA HIS A 67 -18.45 18.53 -40.44
C HIS A 67 -18.62 17.65 -41.71
N HIS A 68 -18.81 16.35 -41.54
CA HIS A 68 -18.95 15.40 -42.66
C HIS A 68 -20.20 14.53 -42.49
N LEU B 2 29.21 -16.52 36.69
CA LEU B 2 28.87 -15.16 37.08
C LEU B 2 29.07 -14.19 35.92
N LYS B 3 30.32 -13.95 35.56
CA LYS B 3 30.67 -13.01 34.51
C LYS B 3 29.91 -13.33 33.27
N LYS B 4 29.65 -14.62 33.02
CA LYS B 4 29.01 -14.98 31.77
C LYS B 4 27.57 -14.50 31.80
N VAL B 5 27.04 -14.29 32.99
CA VAL B 5 25.69 -13.74 33.12
C VAL B 5 25.60 -12.20 32.83
N GLU B 6 26.58 -11.43 33.32
CA GLU B 6 26.65 -9.99 32.99
C GLU B 6 26.85 -9.80 31.50
N ASP B 7 27.85 -10.45 30.95
CA ASP B 7 28.15 -10.31 29.54
C ASP B 7 26.98 -10.77 28.69
N THR B 8 26.21 -11.75 29.15
CA THR B 8 25.06 -12.20 28.35
C THR B 8 23.90 -11.21 28.51
N LEU B 9 23.82 -10.53 29.65
CA LEU B 9 22.79 -9.49 29.76
C LEU B 9 23.16 -8.32 28.87
N THR B 10 24.37 -7.80 29.00
CA THR B 10 24.79 -6.71 28.15
C THR B 10 24.50 -7.04 26.72
N MET B 11 24.96 -8.19 26.24
CA MET B 11 24.72 -8.56 24.85
C MET B 11 23.28 -8.34 24.50
N LEU B 12 22.39 -8.65 25.45
CA LEU B 12 20.96 -8.69 25.18
C LEU B 12 20.50 -7.30 25.01
N VAL B 13 20.89 -6.46 25.95
CA VAL B 13 20.41 -5.09 26.00
C VAL B 13 20.70 -4.29 24.73
N ASN B 14 21.85 -4.57 24.12
CA ASN B 14 22.30 -3.89 22.92
C ASN B 14 21.51 -4.43 21.78
N ALA B 15 21.16 -5.69 21.88
CA ALA B 15 20.43 -6.34 20.81
C ALA B 15 19.01 -5.86 20.70
N THR B 16 18.47 -5.34 21.80
CA THR B 16 17.05 -4.97 21.87
C THR B 16 16.96 -3.53 21.41
N SER B 17 17.93 -2.73 21.82
CA SER B 17 17.99 -1.36 21.40
C SER B 17 18.07 -1.39 19.90
N ARG B 18 18.82 -2.33 19.38
CA ARG B 18 18.89 -2.47 17.94
C ARG B 18 17.53 -2.74 17.27
N GLN B 19 16.61 -3.36 18.01
CA GLN B 19 15.32 -3.82 17.50
C GLN B 19 14.35 -2.69 17.64
N ASN B 20 14.51 -1.87 18.67
CA ASN B 20 13.73 -0.65 18.83
C ASN B 20 13.97 0.22 17.66
N ALA B 21 15.25 0.39 17.36
CA ALA B 21 15.67 1.16 16.19
C ALA B 21 15.07 0.60 14.92
N ALA B 22 15.37 -0.67 14.65
CA ALA B 22 14.69 -1.46 13.62
C ALA B 22 13.20 -1.26 13.45
N ILE B 23 12.49 -1.01 14.52
CA ILE B 23 11.05 -0.93 14.46
C ILE B 23 10.60 0.49 14.16
N GLU B 24 11.22 1.41 14.87
CA GLU B 24 11.03 2.81 14.66
C GLU B 24 11.31 3.13 13.23
N ALA B 25 12.34 2.48 12.74
CA ALA B 25 12.71 2.58 11.35
C ALA B 25 11.55 2.26 10.47
N LEU B 26 10.90 1.16 10.80
CA LEU B 26 9.82 0.66 9.99
C LEU B 26 8.68 1.62 9.95
N GLU B 27 8.23 2.14 11.10
CA GLU B 27 7.19 3.17 11.12
C GLU B 27 7.47 4.34 10.19
N ASN B 28 8.66 4.91 10.29
CA ASN B 28 9.04 5.90 9.32
C ASN B 28 8.78 5.41 7.92
N ARG B 29 9.33 4.26 7.53
CA ARG B 29 9.06 3.73 6.19
C ARG B 29 7.58 3.69 5.83
N LEU B 30 6.74 3.22 6.74
CA LEU B 30 5.29 3.20 6.51
C LEU B 30 4.69 4.56 6.21
N SER B 31 4.82 5.48 7.16
CA SER B 31 4.41 6.87 6.96
C SER B 31 4.85 7.42 5.64
N THR B 32 6.08 7.13 5.24
CA THR B 32 6.55 7.57 3.94
C THR B 32 5.53 7.15 2.86
N LEU B 33 5.13 5.87 2.89
CA LEU B 33 4.14 5.36 1.95
C LEU B 33 2.85 6.10 2.09
N GLU B 34 2.31 6.13 3.30
CA GLU B 34 0.98 6.69 3.55
C GLU B 34 0.87 8.07 2.98
N SER B 35 1.98 8.78 2.98
CA SER B 35 2.00 10.09 2.40
C SER B 35 1.93 9.97 0.86
N SER B 36 2.44 8.88 0.29
CA SER B 36 2.49 8.73 -1.18
C SER B 36 1.13 8.74 -1.85
N LEU B 37 0.08 8.47 -1.08
CA LEU B 37 -1.23 8.09 -1.62
C LEU B 37 -2.15 9.25 -1.94
N LYS B 38 -1.95 10.36 -1.24
CA LYS B 38 -2.79 11.50 -1.47
C LYS B 38 -2.86 11.66 -2.97
N PRO B 39 -1.69 11.72 -3.64
CA PRO B 39 -1.70 12.04 -5.08
C PRO B 39 -2.58 11.18 -5.95
N ILE B 40 -2.82 9.97 -5.47
CA ILE B 40 -3.60 9.01 -6.20
C ILE B 40 -5.03 9.20 -5.79
N GLN B 41 -5.28 9.25 -4.49
CA GLN B 41 -6.62 9.48 -3.97
C GLN B 41 -7.26 10.69 -4.57
N ASP B 42 -6.42 11.64 -4.97
CA ASP B 42 -6.90 12.88 -5.52
C ASP B 42 -7.39 12.68 -6.91
N MET B 43 -6.75 11.77 -7.64
CA MET B 43 -7.20 11.36 -8.97
C MET B 43 -8.58 10.68 -9.05
N GLY B 44 -8.93 9.87 -8.08
CA GLY B 44 -10.27 9.30 -8.03
C GLY B 44 -11.44 10.26 -8.27
N LYS B 45 -11.18 11.56 -8.09
CA LYS B 45 -12.11 12.64 -8.39
C LYS B 45 -11.99 13.04 -9.87
N VAL B 46 -10.84 12.73 -10.46
CA VAL B 46 -10.60 12.95 -11.88
C VAL B 46 -11.20 11.84 -12.71
N ILE B 47 -11.17 10.65 -12.14
CA ILE B 47 -11.74 9.45 -12.73
C ILE B 47 -13.29 9.55 -12.72
N SER B 48 -13.78 10.29 -11.77
CA SER B 48 -15.19 10.40 -11.59
C SER B 48 -15.82 11.39 -12.56
N SER B 49 -15.15 12.49 -12.86
CA SER B 49 -15.73 13.45 -13.80
C SER B 49 -15.33 13.03 -15.19
N LEU B 50 -14.36 12.14 -15.26
CA LEU B 50 -14.03 11.49 -16.53
C LEU B 50 -15.06 10.45 -16.93
N ASN B 51 -15.47 9.59 -15.98
CA ASN B 51 -16.69 8.80 -16.13
C ASN B 51 -17.98 9.58 -16.43
N ARG B 52 -18.40 10.48 -15.54
CA ARG B 52 -19.56 11.27 -15.85
C ARG B 52 -19.56 11.76 -17.28
N SER B 53 -18.41 12.26 -17.74
CA SER B 53 -18.32 12.90 -19.07
C SER B 53 -18.47 11.92 -20.18
N CYS B 54 -18.14 10.66 -19.95
CA CYS B 54 -18.25 9.66 -20.99
C CYS B 54 -19.68 9.19 -21.05
N ALA B 55 -20.20 8.82 -19.89
CA ALA B 55 -21.59 8.48 -19.76
C ALA B 55 -22.52 9.46 -20.45
N GLU B 56 -22.21 10.75 -20.34
CA GLU B 56 -23.05 11.76 -20.92
C GLU B 56 -22.93 11.79 -22.41
N MET B 57 -21.85 11.23 -22.91
CA MET B 57 -21.61 11.23 -24.33
C MET B 57 -22.33 10.06 -24.94
N VAL B 58 -22.22 8.95 -24.26
CA VAL B 58 -23.02 7.80 -24.61
C VAL B 58 -24.48 8.16 -24.70
N ALA B 59 -24.92 8.90 -23.69
CA ALA B 59 -26.27 9.42 -23.58
C ALA B 59 -26.63 10.23 -24.77
N LYS B 60 -25.68 11.05 -25.19
CA LYS B 60 -25.97 12.00 -26.21
C LYS B 60 -26.05 11.26 -27.51
N TYR B 61 -25.18 10.28 -27.64
CA TYR B 61 -25.04 9.66 -28.93
C TYR B 61 -26.07 8.63 -29.08
N ASP B 62 -26.63 8.17 -27.98
CA ASP B 62 -27.71 7.19 -28.05
C ASP B 62 -28.92 7.90 -28.59
N LEU B 63 -29.22 9.05 -28.01
CA LEU B 63 -30.35 9.84 -28.47
C LEU B 63 -30.26 10.24 -29.94
N LEU B 64 -29.03 10.54 -30.35
CA LEU B 64 -28.73 11.05 -31.67
C LEU B 64 -28.57 9.94 -32.73
N GLU B 65 -28.44 8.72 -32.27
CA GLU B 65 -28.18 7.60 -33.15
C GLU B 65 -29.32 7.34 -34.08
N HIS B 66 -30.44 6.97 -33.46
CA HIS B 66 -31.64 6.59 -34.17
C HIS B 66 -32.13 7.74 -35.06
N HIS B 67 -31.71 8.96 -34.72
CA HIS B 67 -32.13 10.20 -35.40
C HIS B 67 -31.69 10.22 -36.87
N LEU C 2 26.41 -9.11 41.92
CA LEU C 2 25.14 -8.88 42.58
C LEU C 2 24.54 -7.54 42.14
N LYS C 3 25.35 -6.49 41.98
CA LYS C 3 24.82 -5.17 41.57
C LYS C 3 24.66 -5.13 40.09
N LYS C 4 25.79 -5.26 39.41
CA LYS C 4 25.83 -4.97 38.00
C LYS C 4 24.72 -5.70 37.32
N VAL C 5 24.29 -6.77 37.96
CA VAL C 5 23.30 -7.63 37.35
C VAL C 5 21.99 -6.93 37.45
N GLU C 6 21.68 -6.38 38.62
CA GLU C 6 20.43 -5.66 38.78
C GLU C 6 20.39 -4.40 37.90
N ASP C 7 21.50 -3.67 37.88
CA ASP C 7 21.66 -2.49 37.05
C ASP C 7 21.25 -2.79 35.61
N THR C 8 21.81 -3.85 35.05
CA THR C 8 21.64 -4.14 33.64
C THR C 8 20.28 -4.71 33.45
N LEU C 9 19.82 -5.50 34.41
CA LEU C 9 18.46 -5.94 34.31
C LEU C 9 17.60 -4.73 34.23
N THR C 10 17.81 -3.73 35.08
CA THR C 10 16.91 -2.59 35.07
C THR C 10 16.94 -1.92 33.69
N MET C 11 18.04 -2.12 32.94
CA MET C 11 18.22 -1.47 31.63
C MET C 11 17.44 -2.20 30.60
N LEU C 12 17.39 -3.51 30.79
CA LEU C 12 16.79 -4.41 29.80
C LEU C 12 15.27 -4.41 29.96
N VAL C 13 14.80 -4.23 31.19
CA VAL C 13 13.40 -3.97 31.42
C VAL C 13 13.00 -2.65 30.74
N ASN C 14 13.83 -1.63 30.84
CA ASN C 14 13.40 -0.37 30.29
C ASN C 14 13.35 -0.48 28.80
N ALA C 15 14.33 -1.17 28.24
CA ALA C 15 14.41 -1.22 26.78
C ALA C 15 13.33 -2.03 26.14
N THR C 16 12.85 -3.07 26.86
CA THR C 16 11.83 -3.94 26.28
C THR C 16 10.50 -3.22 26.36
N SER C 17 10.30 -2.52 27.47
CA SER C 17 9.14 -1.66 27.63
C SER C 17 9.06 -0.60 26.53
N ARG C 18 10.20 -0.02 26.17
CA ARG C 18 10.24 0.90 25.04
C ARG C 18 9.72 0.24 23.74
N GLN C 19 9.73 -1.10 23.66
CA GLN C 19 9.44 -1.79 22.40
C GLN C 19 7.99 -2.05 22.29
N ASN C 20 7.37 -2.34 23.43
CA ASN C 20 5.93 -2.45 23.52
C ASN C 20 5.41 -1.19 22.89
N ALA C 21 6.07 -0.09 23.25
CA ALA C 21 5.68 1.23 22.74
C ALA C 21 6.09 1.52 21.30
N ALA C 22 7.24 1.02 20.87
CA ALA C 22 7.61 1.13 19.48
C ALA C 22 6.60 0.35 18.64
N ILE C 23 6.23 -0.86 19.11
CA ILE C 23 5.33 -1.78 18.39
C ILE C 23 3.90 -1.22 18.34
N GLU C 24 3.34 -0.86 19.50
CA GLU C 24 2.10 -0.13 19.50
C GLU C 24 2.15 1.06 18.53
N ALA C 25 3.27 1.74 18.43
CA ALA C 25 3.26 3.01 17.67
C ALA C 25 3.35 2.81 16.20
N LEU C 26 3.58 1.55 15.84
CA LEU C 26 3.74 1.08 14.46
C LEU C 26 2.44 0.47 14.03
N GLU C 27 1.74 -0.12 14.99
CA GLU C 27 0.38 -0.57 14.77
C GLU C 27 -0.44 0.65 14.35
N ASN C 28 -0.33 1.77 15.05
CA ASN C 28 -1.12 2.94 14.67
C ASN C 28 -0.82 3.48 13.26
N ARG C 29 0.43 3.52 12.85
CA ARG C 29 0.70 4.03 11.51
C ARG C 29 0.24 3.06 10.48
N LEU C 30 0.24 1.76 10.79
CA LEU C 30 -0.39 0.79 9.86
C LEU C 30 -1.93 1.05 9.77
N SER C 31 -2.64 0.98 10.92
CA SER C 31 -4.08 1.12 10.93
C SER C 31 -4.51 2.37 10.16
N THR C 32 -3.62 3.35 10.08
CA THR C 32 -3.88 4.55 9.29
C THR C 32 -3.53 4.39 7.80
N LEU C 33 -2.64 3.46 7.47
CA LEU C 33 -2.30 3.20 6.06
C LEU C 33 -3.40 2.40 5.46
N GLU C 34 -3.79 1.36 6.20
CA GLU C 34 -5.00 0.62 5.94
C GLU C 34 -6.17 1.57 5.60
N SER C 35 -6.38 2.62 6.39
CA SER C 35 -7.53 3.53 6.18
C SER C 35 -7.47 4.29 4.86
N SER C 36 -6.29 4.78 4.52
CA SER C 36 -6.16 5.65 3.38
C SER C 36 -6.13 4.93 2.05
N LEU C 37 -6.34 3.61 2.04
CA LEU C 37 -6.42 2.81 0.79
C LEU C 37 -7.85 2.50 0.40
N LYS C 38 -8.68 2.44 1.43
CA LYS C 38 -10.09 2.29 1.24
C LYS C 38 -10.55 3.25 0.14
N PRO C 39 -10.10 4.49 0.17
CA PRO C 39 -10.45 5.41 -0.92
C PRO C 39 -10.03 4.90 -2.29
N ILE C 40 -8.94 4.16 -2.36
CA ILE C 40 -8.38 3.82 -3.65
C ILE C 40 -9.01 2.57 -4.14
N GLN C 41 -9.31 1.64 -3.25
CA GLN C 41 -10.09 0.49 -3.69
C GLN C 41 -11.43 0.89 -4.30
N ASP C 42 -11.99 1.99 -3.82
CA ASP C 42 -13.24 2.50 -4.32
C ASP C 42 -13.11 3.13 -5.67
N MET C 43 -11.90 3.55 -6.04
CA MET C 43 -11.73 4.07 -7.38
C MET C 43 -11.92 2.95 -8.37
N GLY C 44 -11.63 1.72 -7.96
CA GLY C 44 -11.73 0.59 -8.84
C GLY C 44 -13.12 0.45 -9.40
N LYS C 45 -14.13 0.63 -8.54
CA LYS C 45 -15.50 0.52 -8.98
C LYS C 45 -15.76 1.53 -10.08
N VAL C 46 -15.27 2.74 -9.84
CA VAL C 46 -15.49 3.83 -10.77
C VAL C 46 -14.76 3.57 -12.08
N ILE C 47 -13.63 2.87 -12.02
CA ILE C 47 -12.83 2.66 -13.22
C ILE C 47 -13.49 1.69 -14.16
N SER C 48 -14.06 0.61 -13.66
CA SER C 48 -14.73 -0.30 -14.55
C SER C 48 -15.91 0.37 -15.24
N SER C 49 -16.63 1.25 -14.54
CA SER C 49 -17.80 1.87 -15.15
C SER C 49 -17.34 2.88 -16.15
N LEU C 50 -16.17 3.43 -15.93
CA LEU C 50 -15.54 4.29 -16.91
C LEU C 50 -15.12 3.46 -18.08
N ASN C 51 -14.56 2.30 -17.81
CA ASN C 51 -14.19 1.44 -18.89
C ASN C 51 -15.39 0.96 -19.65
N ARG C 52 -16.53 0.80 -18.98
CA ARG C 52 -17.75 0.53 -19.72
C ARG C 52 -18.07 1.73 -20.57
N SER C 53 -18.16 2.87 -19.88
CA SER C 53 -18.81 4.08 -20.38
C SER C 53 -18.08 4.58 -21.59
N CYS C 54 -16.78 4.41 -21.58
CA CYS C 54 -15.98 4.95 -22.64
C CYS C 54 -16.05 4.05 -23.82
N ALA C 55 -16.01 2.75 -23.53
CA ALA C 55 -16.07 1.77 -24.55
C ALA C 55 -17.40 1.96 -25.29
N GLU C 56 -18.48 2.30 -24.58
CA GLU C 56 -19.74 2.53 -25.29
C GLU C 56 -19.69 3.78 -26.18
N MET C 57 -18.97 4.84 -25.79
CA MET C 57 -18.91 6.01 -26.64
C MET C 57 -18.50 5.55 -27.96
N VAL C 58 -17.33 4.94 -28.01
CA VAL C 58 -16.78 4.51 -29.28
C VAL C 58 -17.62 3.45 -29.96
N ALA C 59 -18.61 2.91 -29.27
CA ALA C 59 -19.56 2.04 -29.91
C ALA C 59 -20.55 2.87 -30.70
N LYS C 60 -20.96 3.95 -30.09
CA LYS C 60 -21.85 4.91 -30.70
C LYS C 60 -21.11 5.90 -31.60
N TYR C 61 -19.78 5.89 -31.63
CA TYR C 61 -19.01 6.57 -32.68
C TYR C 61 -19.10 5.67 -33.89
N ASP C 62 -18.52 4.49 -33.75
CA ASP C 62 -18.23 3.67 -34.91
C ASP C 62 -19.49 3.26 -35.66
N LEU C 63 -20.64 3.20 -35.00
CA LEU C 63 -21.86 2.83 -35.71
C LEU C 63 -22.42 4.02 -36.51
N LEU C 64 -22.36 5.18 -35.90
CA LEU C 64 -22.87 6.42 -36.49
C LEU C 64 -21.87 6.99 -37.53
N GLU C 65 -20.62 6.55 -37.47
CA GLU C 65 -19.60 6.96 -38.42
C GLU C 65 -19.96 6.58 -39.88
N HIS C 66 -20.15 5.30 -40.10
CA HIS C 66 -20.51 4.77 -41.41
C HIS C 66 -22.01 5.02 -41.69
N HIS C 67 -22.80 5.27 -40.64
CA HIS C 67 -24.29 5.39 -40.77
C HIS C 67 -24.86 6.80 -41.08
N HIS C 68 -24.14 7.86 -40.73
CA HIS C 68 -24.53 9.23 -41.11
C HIS C 68 -23.56 9.85 -42.14
N HIS C 69 -22.52 9.10 -42.52
CA HIS C 69 -21.56 9.52 -43.57
C HIS C 69 -21.88 8.85 -44.93
N HIS C 70 -22.29 7.56 -44.88
CA HIS C 70 -22.85 6.82 -46.04
C HIS C 70 -24.27 7.35 -46.41
N HIS C 71 -25.23 7.27 -45.48
CA HIS C 71 -26.60 7.83 -45.66
C HIS C 71 -26.63 9.36 -45.80
N MET D 1 17.95 -12.70 47.57
CA MET D 1 18.46 -11.76 46.56
C MET D 1 18.00 -12.18 45.15
N LEU D 2 18.42 -13.40 44.78
CA LEU D 2 18.17 -14.03 43.48
C LEU D 2 16.70 -14.12 43.07
N LYS D 3 15.81 -14.17 44.07
CA LYS D 3 14.39 -14.41 43.85
C LYS D 3 13.83 -13.33 42.96
N LYS D 4 14.04 -12.08 43.33
CA LYS D 4 13.57 -10.98 42.51
C LYS D 4 14.07 -11.04 41.04
N VAL D 5 15.28 -11.59 40.84
CA VAL D 5 15.93 -11.74 39.54
C VAL D 5 15.49 -12.90 38.66
N GLU D 6 15.28 -14.05 39.29
CA GLU D 6 14.68 -15.19 38.63
C GLU D 6 13.29 -14.80 38.12
N ASP D 7 12.65 -13.99 38.94
CA ASP D 7 11.32 -13.44 38.71
C ASP D 7 11.30 -12.37 37.63
N THR D 8 12.27 -11.48 37.67
CA THR D 8 12.30 -10.39 36.69
C THR D 8 12.70 -10.92 35.34
N LEU D 9 13.51 -11.99 35.33
CA LEU D 9 13.86 -12.66 34.09
C LEU D 9 12.68 -13.33 33.40
N THR D 10 11.84 -14.00 34.22
CA THR D 10 10.64 -14.71 33.75
C THR D 10 9.59 -13.69 33.37
N MET D 11 9.79 -12.46 33.80
CA MET D 11 8.89 -11.44 33.32
C MET D 11 9.21 -11.18 31.86
N LEU D 12 10.47 -10.81 31.61
CA LEU D 12 10.95 -10.44 30.30
C LEU D 12 10.76 -11.51 29.21
N VAL D 13 11.05 -12.76 29.56
CA VAL D 13 10.90 -13.84 28.60
C VAL D 13 9.46 -13.89 28.11
N ASN D 14 8.53 -13.71 29.05
CA ASN D 14 7.10 -13.68 28.74
C ASN D 14 6.73 -12.46 27.98
N ALA D 15 7.36 -11.34 28.29
CA ALA D 15 6.99 -10.12 27.62
C ALA D 15 7.56 -10.15 26.24
N THR D 16 8.74 -10.76 26.08
CA THR D 16 9.40 -10.66 24.80
C THR D 16 8.58 -11.50 23.88
N SER D 17 8.18 -12.66 24.42
CA SER D 17 7.40 -13.61 23.67
C SER D 17 6.08 -12.94 23.29
N ARG D 18 5.50 -12.14 24.17
CA ARG D 18 4.33 -11.36 23.77
C ARG D 18 4.58 -10.49 22.54
N GLN D 19 5.80 -9.99 22.43
CA GLN D 19 6.07 -9.05 21.36
C GLN D 19 6.30 -9.77 20.05
N ASN D 20 7.06 -10.86 20.15
CA ASN D 20 7.31 -11.78 19.03
C ASN D 20 6.00 -11.98 18.33
N ALA D 21 5.00 -12.25 19.16
CA ALA D 21 3.61 -12.46 18.74
C ALA D 21 2.99 -11.22 18.13
N ALA D 22 3.24 -10.10 18.77
CA ALA D 22 2.67 -8.88 18.30
C ALA D 22 3.16 -8.67 16.89
N ILE D 23 4.39 -9.12 16.64
CA ILE D 23 5.07 -8.79 15.41
C ILE D 23 4.65 -9.73 14.30
N GLU D 24 4.46 -11.01 14.66
CA GLU D 24 3.96 -11.99 13.73
C GLU D 24 2.59 -11.60 13.32
N ALA D 25 1.78 -11.23 14.31
CA ALA D 25 0.50 -10.59 14.08
C ALA D 25 0.55 -9.39 13.14
N LEU D 26 1.64 -8.63 13.17
CA LEU D 26 1.75 -7.45 12.31
C LEU D 26 2.13 -7.77 10.87
N GLU D 27 2.77 -8.89 10.67
CA GLU D 27 3.16 -9.28 9.36
C GLU D 27 1.92 -9.74 8.57
N ASN D 28 1.06 -10.53 9.20
CA ASN D 28 -0.15 -10.97 8.54
C ASN D 28 -0.93 -9.74 8.16
N ARG D 29 -0.96 -8.76 9.05
CA ARG D 29 -1.71 -7.57 8.75
C ARG D 29 -1.17 -6.90 7.54
N LEU D 30 0.09 -7.21 7.23
CA LEU D 30 0.76 -6.58 6.07
C LEU D 30 0.52 -7.38 4.81
N SER D 31 0.87 -8.67 4.81
CA SER D 31 0.57 -9.58 3.72
C SER D 31 -0.82 -9.33 3.15
N THR D 32 -1.75 -9.13 4.06
CA THR D 32 -3.13 -8.80 3.71
C THR D 32 -3.30 -7.41 3.13
N LEU D 33 -2.42 -6.48 3.40
CA LEU D 33 -2.50 -5.26 2.63
C LEU D 33 -2.03 -5.60 1.26
N GLU D 34 -0.89 -6.30 1.20
CA GLU D 34 -0.24 -6.43 -0.06
C GLU D 34 -1.22 -7.03 -1.04
N SER D 35 -2.02 -7.97 -0.57
CA SER D 35 -2.89 -8.72 -1.45
C SER D 35 -4.28 -8.11 -1.71
N SER D 36 -4.66 -7.07 -0.97
CA SER D 36 -5.85 -6.33 -1.29
C SER D 36 -5.53 -5.33 -2.38
N LEU D 37 -4.28 -5.33 -2.82
CA LEU D 37 -3.81 -4.29 -3.70
C LEU D 37 -4.15 -4.71 -5.04
N LYS D 38 -4.04 -6.03 -5.23
CA LYS D 38 -4.11 -6.64 -6.54
C LYS D 38 -5.21 -6.00 -7.41
N PRO D 39 -6.47 -6.00 -6.93
CA PRO D 39 -7.56 -5.29 -7.61
C PRO D 39 -7.16 -3.88 -8.05
N ILE D 40 -6.37 -3.18 -7.23
CA ILE D 40 -5.88 -1.87 -7.64
C ILE D 40 -4.94 -2.03 -8.80
N GLN D 41 -3.89 -2.83 -8.65
CA GLN D 41 -2.97 -3.06 -9.74
C GLN D 41 -3.70 -3.34 -11.03
N ASP D 42 -4.74 -4.20 -10.96
CA ASP D 42 -5.58 -4.53 -12.12
C ASP D 42 -6.15 -3.30 -12.76
N MET D 43 -6.73 -2.44 -11.96
CA MET D 43 -7.41 -1.30 -12.50
C MET D 43 -6.44 -0.39 -13.19
N GLY D 44 -5.20 -0.37 -12.73
CA GLY D 44 -4.17 0.41 -13.39
C GLY D 44 -3.91 -0.12 -14.78
N LYS D 45 -3.82 -1.42 -14.88
CA LYS D 45 -3.61 -2.01 -16.16
C LYS D 45 -4.76 -1.63 -17.08
N VAL D 46 -5.98 -1.51 -16.55
CA VAL D 46 -7.16 -1.09 -17.35
C VAL D 46 -7.10 0.41 -17.85
N ILE D 47 -6.62 1.29 -16.98
CA ILE D 47 -6.44 2.68 -17.34
C ILE D 47 -5.40 2.79 -18.44
N SER D 48 -4.33 2.00 -18.33
CA SER D 48 -3.32 1.96 -19.34
C SER D 48 -3.85 1.44 -20.62
N SER D 49 -4.64 0.40 -20.61
CA SER D 49 -5.08 -0.11 -21.90
C SER D 49 -5.97 0.91 -22.50
N LEU D 50 -6.54 1.75 -21.65
CA LEU D 50 -7.62 2.63 -22.07
C LEU D 50 -7.04 3.87 -22.63
N ASN D 51 -5.91 4.29 -22.08
CA ASN D 51 -5.15 5.36 -22.63
C ASN D 51 -4.73 4.94 -24.03
N ARG D 52 -4.00 3.82 -24.15
CA ARG D 52 -3.67 3.32 -25.48
C ARG D 52 -4.90 3.27 -26.40
N SER D 53 -6.00 2.67 -26.00
CA SER D 53 -7.13 2.55 -26.92
C SER D 53 -7.65 3.91 -27.41
N CYS D 54 -7.41 4.98 -26.66
CA CYS D 54 -7.92 6.29 -27.06
C CYS D 54 -7.00 6.88 -28.06
N ALA D 55 -5.81 7.18 -27.56
CA ALA D 55 -4.68 7.63 -28.34
C ALA D 55 -4.61 6.96 -29.71
N GLU D 56 -4.90 5.66 -29.76
CA GLU D 56 -4.99 4.96 -31.03
C GLU D 56 -6.12 5.46 -31.89
N MET D 57 -7.25 5.81 -31.28
CA MET D 57 -8.38 6.38 -32.00
C MET D 57 -8.16 7.79 -32.57
N VAL D 58 -7.37 8.59 -31.84
CA VAL D 58 -6.97 9.91 -32.27
C VAL D 58 -6.13 9.74 -33.51
N ALA D 59 -4.98 9.07 -33.37
CA ALA D 59 -4.20 8.68 -34.55
C ALA D 59 -5.12 8.23 -35.73
N LYS D 60 -6.05 7.31 -35.48
CA LYS D 60 -6.93 6.84 -36.54
C LYS D 60 -7.77 8.01 -37.10
N TYR D 61 -8.10 8.98 -36.25
CA TYR D 61 -8.89 10.11 -36.74
C TYR D 61 -8.06 11.14 -37.48
N ASP D 62 -6.96 11.62 -36.88
CA ASP D 62 -6.02 12.52 -37.55
C ASP D 62 -5.87 12.16 -39.04
N LEU D 63 -5.77 10.87 -39.36
CA LEU D 63 -5.66 10.46 -40.75
C LEU D 63 -6.97 10.58 -41.48
N LEU D 64 -8.04 10.21 -40.79
CA LEU D 64 -9.36 10.26 -41.41
C LEU D 64 -9.73 11.68 -41.70
N GLU D 65 -9.39 12.54 -40.74
CA GLU D 65 -9.75 13.95 -40.74
C GLU D 65 -9.59 14.55 -42.13
N HIS D 66 -8.34 14.64 -42.58
CA HIS D 66 -7.92 15.43 -43.73
C HIS D 66 -8.87 15.32 -44.94
N HIS D 67 -9.57 14.18 -45.04
CA HIS D 67 -10.65 14.04 -46.02
C HIS D 67 -11.86 14.96 -45.69
#